data_1RG0
#
_entry.id   1RG0
#
_cell.length_a   37.301
_cell.length_b   80.720
_cell.length_c   39.127
_cell.angle_alpha   90.00
_cell.angle_beta   113.37
_cell.angle_gamma   90.00
#
_symmetry.space_group_name_H-M   'P 1 21 1'
#
loop_
_entity.id
_entity.type
_entity.pdbx_description
1 polymer 'Fimbrial protein'
2 water water
#
_entity_poly.entity_id   1
_entity_poly.type   'polypeptide(L)'
_entity_poly.pdbx_seq_one_letter_code
;ISEFARAQLSEAMTLASGLKTKVSDIFSQDGSCPANTAATAGIEKDTDINGKYVAKVTTGGTAAASGGCTIVATMKASDV
ATPLRGKTLTLTLGNADKGSYTWACTSNADNKYLPKTCQTATTTTP
;
_entity_poly.pdbx_strand_id   A,B
#
# COMPACT_ATOMS: atom_id res chain seq x y z
N ILE A 1 2.63 20.93 0.98
CA ILE A 1 3.37 19.71 1.25
C ILE A 1 2.42 18.64 1.77
N SER A 2 2.71 17.39 1.43
CA SER A 2 1.71 16.35 1.68
C SER A 2 2.11 15.45 2.83
N GLU A 3 1.33 15.51 3.91
CA GLU A 3 1.57 14.56 5.01
C GLU A 3 1.47 13.13 4.48
N PHE A 4 0.61 12.95 3.48
CA PHE A 4 0.43 11.61 2.90
C PHE A 4 1.72 11.15 2.24
N ALA A 5 2.43 12.04 1.55
CA ALA A 5 3.71 11.65 0.97
C ALA A 5 4.76 11.39 2.06
N ARG A 6 4.72 12.19 3.12
CA ARG A 6 5.63 12.08 4.26
C ARG A 6 5.49 10.69 4.86
N ALA A 7 4.23 10.28 5.01
CA ALA A 7 3.83 8.98 5.52
C ALA A 7 4.39 7.85 4.68
N GLN A 8 4.49 8.02 3.35
CA GLN A 8 5.05 6.94 2.54
C GLN A 8 6.52 6.65 2.82
N LEU A 9 7.32 7.68 3.01
CA LEU A 9 8.75 7.61 3.31
C LEU A 9 8.98 7.04 4.71
N SER A 10 8.06 7.42 5.59
CA SER A 10 8.11 6.91 6.95
C SER A 10 7.94 5.40 6.93
N GLU A 11 7.17 4.85 5.98
CA GLU A 11 7.13 3.39 6.01
C GLU A 11 8.50 2.82 5.66
N ALA A 12 9.23 3.41 4.71
CA ALA A 12 10.54 2.89 4.33
C ALA A 12 11.49 2.92 5.53
N MET A 13 11.47 4.04 6.22
CA MET A 13 12.30 4.20 7.41
C MET A 13 12.06 3.06 8.41
N THR A 14 10.80 2.85 8.76
CA THR A 14 10.33 1.83 9.69
C THR A 14 10.79 0.47 9.23
N LEU A 15 10.47 0.10 7.99
CA LEU A 15 10.91 -1.21 7.49
C LEU A 15 12.42 -1.39 7.44
N ALA A 16 13.13 -0.30 7.12
CA ALA A 16 14.58 -0.43 7.10
C ALA A 16 15.08 -0.51 8.55
N SER A 17 14.28 0.08 9.43
CA SER A 17 14.78 0.19 10.81
C SER A 17 14.68 -1.16 11.52
N GLY A 18 13.72 -1.97 11.12
CA GLY A 18 13.45 -3.29 11.63
C GLY A 18 14.51 -4.31 11.29
N LEU A 19 15.56 -3.93 10.59
CA LEU A 19 16.68 -4.81 10.28
C LEU A 19 17.97 -4.30 10.92
N LYS A 20 17.83 -3.34 11.84
CA LYS A 20 19.07 -2.73 12.34
C LYS A 20 19.75 -3.67 13.32
N THR A 21 18.98 -4.36 14.16
CA THR A 21 19.67 -5.20 15.14
C THR A 21 20.28 -6.41 14.46
N LYS A 22 19.62 -6.96 13.43
CA LYS A 22 20.23 -8.10 12.75
C LYS A 22 21.53 -7.70 12.06
N VAL A 23 21.55 -6.65 11.22
CA VAL A 23 22.73 -6.27 10.49
C VAL A 23 23.87 -5.97 11.47
N SER A 24 23.46 -5.34 12.57
CA SER A 24 24.37 -4.97 13.65
C SER A 24 24.94 -6.23 14.27
N ASP A 25 24.08 -7.22 14.48
CA ASP A 25 24.61 -8.49 15.00
C ASP A 25 25.68 -9.05 14.09
N ILE A 26 25.47 -9.00 12.77
CA ILE A 26 26.46 -9.62 11.88
C ILE A 26 27.80 -8.91 11.92
N PHE A 27 27.79 -7.58 11.82
CA PHE A 27 29.01 -6.79 11.86
C PHE A 27 29.78 -7.08 13.15
N SER A 28 29.06 -7.16 14.26
CA SER A 28 29.73 -7.34 15.55
C SER A 28 30.29 -8.75 15.67
N GLN A 29 29.63 -9.69 15.01
CA GLN A 29 29.96 -11.10 15.02
C GLN A 29 31.05 -11.46 14.02
N ASP A 30 30.95 -10.99 12.78
CA ASP A 30 31.88 -11.43 11.75
C ASP A 30 32.76 -10.33 11.16
N GLY A 31 32.64 -9.08 11.61
CA GLY A 31 33.44 -8.03 10.99
C GLY A 31 33.06 -7.84 9.53
N SER A 32 31.84 -8.28 9.17
CA SER A 32 31.44 -8.24 7.77
C SER A 32 30.09 -7.60 7.57
N CYS A 33 29.83 -7.21 6.33
CA CYS A 33 28.55 -6.66 5.92
C CYS A 33 27.74 -7.67 5.11
N PRO A 34 26.60 -8.09 5.61
CA PRO A 34 25.80 -9.08 4.85
C PRO A 34 25.11 -8.40 3.66
N ALA A 35 24.94 -9.13 2.57
CA ALA A 35 24.31 -8.75 1.33
C ALA A 35 23.06 -9.60 1.04
N ASN A 36 21.87 -9.01 1.01
CA ASN A 36 20.66 -9.86 0.90
C ASN A 36 20.02 -9.87 -0.48
N THR A 37 20.85 -9.85 -1.52
CA THR A 37 20.35 -9.89 -2.89
C THR A 37 19.44 -11.08 -3.15
N ALA A 38 19.78 -12.13 -2.44
CA ALA A 38 19.24 -13.43 -2.17
C ALA A 38 19.16 -13.61 -0.65
N ALA A 39 18.19 -14.35 -0.12
CA ALA A 39 18.14 -14.58 1.33
C ALA A 39 19.50 -15.10 1.80
N THR A 40 19.92 -14.71 2.99
CA THR A 40 21.19 -15.16 3.59
C THR A 40 20.90 -15.33 5.08
N ALA A 41 21.82 -15.91 5.82
CA ALA A 41 21.64 -16.30 7.21
C ALA A 41 20.86 -15.28 8.05
N GLY A 42 19.61 -15.59 8.33
CA GLY A 42 18.77 -14.74 9.15
C GLY A 42 17.94 -13.70 8.45
N ILE A 43 18.34 -13.27 7.27
CA ILE A 43 17.64 -12.16 6.61
C ILE A 43 17.07 -12.55 5.26
N GLU A 44 15.80 -12.20 5.03
CA GLU A 44 15.04 -12.45 3.83
C GLU A 44 15.60 -11.75 2.59
N LYS A 45 15.31 -12.28 1.40
CA LYS A 45 15.80 -11.57 0.20
C LYS A 45 15.14 -10.19 0.15
N ASP A 46 15.88 -9.19 -0.34
CA ASP A 46 15.45 -7.79 -0.31
C ASP A 46 14.01 -7.63 -0.77
N THR A 47 13.62 -8.23 -1.90
CA THR A 47 12.25 -7.94 -2.35
C THR A 47 11.19 -8.64 -1.51
N ASP A 48 11.56 -9.55 -0.62
CA ASP A 48 10.61 -10.21 0.26
C ASP A 48 10.29 -9.37 1.49
N ILE A 49 10.98 -8.24 1.56
CA ILE A 49 10.86 -7.28 2.66
C ILE A 49 10.32 -5.98 2.09
N ASN A 50 9.01 -5.81 2.24
CA ASN A 50 8.29 -4.78 1.52
C ASN A 50 7.13 -4.28 2.36
N GLY A 51 6.28 -3.46 1.77
CA GLY A 51 5.11 -2.91 2.44
C GLY A 51 4.19 -2.31 1.39
N LYS A 52 3.22 -1.53 1.81
CA LYS A 52 2.30 -0.89 0.88
C LYS A 52 3.01 -0.04 -0.15
N TYR A 53 3.96 0.79 0.29
CA TYR A 53 4.63 1.73 -0.60
C TYR A 53 6.09 1.39 -0.86
N VAL A 54 6.61 0.36 -0.19
CA VAL A 54 8.01 -0.05 -0.30
C VAL A 54 8.17 -1.38 -1.03
N ALA A 55 9.02 -1.42 -2.05
CA ALA A 55 9.31 -2.55 -2.90
C ALA A 55 10.29 -3.56 -2.31
N LYS A 56 11.38 -3.06 -1.75
CA LYS A 56 12.48 -3.89 -1.27
C LYS A 56 13.35 -3.13 -0.28
N VAL A 57 14.00 -3.93 0.56
CA VAL A 57 14.99 -3.49 1.53
C VAL A 57 16.25 -4.34 1.40
N THR A 58 17.34 -3.81 0.87
CA THR A 58 18.59 -4.50 0.66
C THR A 58 19.66 -4.14 1.68
N THR A 59 20.45 -5.11 2.13
CA THR A 59 21.61 -4.81 2.96
C THR A 59 22.88 -4.92 2.09
N GLY A 60 23.93 -4.23 2.49
CA GLY A 60 25.20 -4.23 1.76
C GLY A 60 26.14 -3.19 2.37
N GLY A 61 26.99 -2.59 1.55
CA GLY A 61 27.82 -1.50 2.07
C GLY A 61 29.24 -1.99 2.26
N THR A 62 30.17 -1.07 2.45
CA THR A 62 31.58 -1.50 2.49
C THR A 62 32.14 -1.31 3.90
N ALA A 63 32.60 -2.43 4.44
CA ALA A 63 33.12 -2.62 5.78
C ALA A 63 34.35 -1.79 6.07
N ALA A 64 34.41 -1.23 7.27
CA ALA A 64 35.63 -0.55 7.73
C ALA A 64 35.71 -0.63 9.25
N ALA A 65 36.70 0.04 9.84
CA ALA A 65 36.84 0.04 11.30
C ALA A 65 35.66 0.69 11.99
N SER A 66 35.00 1.64 11.31
CA SER A 66 33.90 2.34 11.96
C SER A 66 32.54 1.75 11.66
N GLY A 67 32.50 0.69 10.84
CA GLY A 67 31.23 0.10 10.42
C GLY A 67 31.07 0.28 8.92
N GLY A 68 30.00 0.93 8.42
CA GLY A 68 29.97 1.11 6.98
C GLY A 68 28.94 0.22 6.32
N CYS A 69 28.18 -0.51 7.12
CA CYS A 69 27.12 -1.36 6.56
C CYS A 69 25.89 -0.54 6.20
N THR A 70 25.24 -0.77 5.05
CA THR A 70 24.04 -0.03 4.67
C THR A 70 22.81 -0.93 4.55
N ILE A 71 21.67 -0.39 4.96
CA ILE A 71 20.35 -0.95 4.77
C ILE A 71 19.54 0.03 3.91
N VAL A 72 19.36 -0.27 2.62
CA VAL A 72 18.65 0.67 1.75
C VAL A 72 17.24 0.22 1.38
N ALA A 73 16.27 1.10 1.58
CA ALA A 73 14.89 0.88 1.17
C ALA A 73 14.66 1.49 -0.22
N THR A 74 14.01 0.77 -1.10
CA THR A 74 13.61 1.27 -2.42
C THR A 74 12.08 1.34 -2.49
N MET A 75 11.55 2.51 -2.83
CA MET A 75 10.12 2.71 -2.98
C MET A 75 9.58 2.03 -4.24
N LYS A 76 8.31 1.63 -4.23
CA LYS A 76 7.74 1.12 -5.48
C LYS A 76 7.79 2.21 -6.56
N ALA A 77 7.81 1.77 -7.81
CA ALA A 77 7.79 2.61 -8.99
C ALA A 77 6.38 3.03 -9.38
N SER A 78 5.40 2.82 -8.50
CA SER A 78 4.03 3.24 -8.77
C SER A 78 3.12 2.88 -7.59
N ASP A 79 1.99 3.57 -7.47
CA ASP A 79 1.07 3.44 -6.36
C ASP A 79 1.62 4.17 -5.12
N VAL A 80 2.65 4.95 -5.39
CA VAL A 80 3.30 5.84 -4.44
C VAL A 80 3.34 7.25 -5.00
N ALA A 81 3.54 8.24 -4.13
CA ALA A 81 3.60 9.62 -4.61
C ALA A 81 4.68 9.79 -5.67
N THR A 82 4.33 10.36 -6.82
CA THR A 82 5.23 10.45 -7.96
C THR A 82 6.58 11.06 -7.65
N PRO A 83 6.76 12.06 -6.80
CA PRO A 83 8.14 12.49 -6.51
C PRO A 83 8.94 11.41 -5.76
N LEU A 84 8.28 10.44 -5.16
CA LEU A 84 9.00 9.44 -4.36
C LEU A 84 9.22 8.14 -5.13
N ARG A 85 8.74 8.16 -6.39
CA ARG A 85 8.75 6.89 -7.11
C ARG A 85 10.18 6.43 -7.35
N GLY A 86 10.50 5.25 -6.82
CA GLY A 86 11.77 4.59 -7.00
C GLY A 86 12.95 5.27 -6.35
N LYS A 87 12.62 6.14 -5.41
CA LYS A 87 13.59 6.85 -4.59
C LYS A 87 14.10 5.94 -3.49
N THR A 88 15.24 6.29 -2.86
CA THR A 88 15.71 5.36 -1.84
C THR A 88 16.01 6.11 -0.54
N LEU A 89 15.95 5.36 0.54
CA LEU A 89 16.30 5.81 1.88
C LEU A 89 17.22 4.74 2.50
N THR A 90 18.35 5.24 2.94
CA THR A 90 19.51 4.55 3.45
C THR A 90 19.82 4.79 4.93
N LEU A 91 20.04 3.67 5.64
CA LEU A 91 20.54 3.64 7.00
C LEU A 91 22.00 3.19 6.95
N THR A 92 22.92 3.83 7.69
CA THR A 92 24.35 3.51 7.51
C THR A 92 25.06 3.35 8.83
N LEU A 93 25.64 2.19 9.14
CA LEU A 93 26.31 2.02 10.43
C LEU A 93 27.55 2.88 10.65
N GLY A 94 27.75 3.42 11.86
CA GLY A 94 29.00 4.08 12.18
C GLY A 94 29.33 4.04 13.66
N ASN A 95 30.44 4.69 14.01
CA ASN A 95 30.88 4.91 15.37
C ASN A 95 31.36 3.61 16.04
N ALA A 96 31.44 2.56 15.25
CA ALA A 96 31.77 1.22 15.69
C ALA A 96 33.12 1.18 16.40
N ASP A 97 34.06 2.03 15.99
CA ASP A 97 35.37 1.99 16.64
C ASP A 97 35.55 3.15 17.61
N LYS A 98 34.48 3.92 17.90
CA LYS A 98 34.66 4.95 18.94
C LYS A 98 33.77 4.68 20.14
N GLY A 99 32.51 4.33 19.94
CA GLY A 99 31.57 4.02 21.01
C GLY A 99 30.30 3.29 20.57
N SER A 100 29.16 3.65 21.13
CA SER A 100 27.87 3.02 20.78
C SER A 100 27.58 3.06 19.29
N TYR A 101 27.14 1.95 18.71
CA TYR A 101 26.86 1.96 17.28
C TYR A 101 25.83 3.04 16.94
N THR A 102 26.01 3.77 15.84
CA THR A 102 24.98 4.74 15.47
C THR A 102 24.45 4.43 14.07
N TRP A 103 23.25 4.92 13.74
CA TRP A 103 22.80 4.79 12.36
C TRP A 103 22.41 6.18 11.86
N ALA A 104 23.13 6.69 10.87
CA ALA A 104 22.78 7.93 10.19
C ALA A 104 21.79 7.66 9.05
N CYS A 105 20.79 8.51 8.85
CA CYS A 105 19.80 8.38 7.79
C CYS A 105 20.11 9.27 6.60
N THR A 106 20.18 8.78 5.38
CA THR A 106 20.25 9.67 4.21
C THR A 106 19.22 9.30 3.16
N SER A 107 18.97 10.14 2.14
CA SER A 107 17.96 9.71 1.14
C SER A 107 18.20 10.43 -0.17
N ASN A 108 17.67 9.99 -1.31
CA ASN A 108 17.91 10.77 -2.52
C ASN A 108 16.59 11.42 -2.97
N ALA A 109 15.62 11.37 -2.08
CA ALA A 109 14.34 12.08 -2.24
C ALA A 109 14.46 13.52 -1.75
N ASP A 110 13.53 14.38 -2.16
CA ASP A 110 13.58 15.79 -1.75
C ASP A 110 13.42 15.93 -0.24
N ASN A 111 14.09 16.92 0.34
CA ASN A 111 14.10 17.19 1.77
C ASN A 111 12.72 17.55 2.30
N LYS A 112 11.86 18.14 1.46
CA LYS A 112 10.50 18.46 1.88
C LYS A 112 9.67 17.23 2.22
N TYR A 113 10.16 16.02 1.95
CA TYR A 113 9.40 14.83 2.30
C TYR A 113 10.00 14.03 3.46
N LEU A 114 11.10 14.52 4.02
CA LEU A 114 11.90 13.75 4.96
C LEU A 114 11.89 14.23 6.40
N PRO A 115 12.00 13.30 7.35
CA PRO A 115 12.19 13.72 8.74
C PRO A 115 13.45 14.58 8.82
N LYS A 116 13.58 15.34 9.90
CA LYS A 116 14.73 16.23 10.05
C LYS A 116 16.01 15.42 10.15
N THR A 117 16.08 14.38 10.99
CA THR A 117 17.28 13.57 11.02
C THR A 117 17.67 12.94 9.68
N CYS A 118 16.88 13.02 8.62
CA CYS A 118 17.33 12.45 7.34
C CYS A 118 17.67 13.50 6.28
N GLN A 119 17.43 14.80 6.50
CA GLN A 119 17.68 15.77 5.43
C GLN A 119 19.12 16.22 5.25
N THR A 120 19.51 16.43 3.99
CA THR A 120 20.82 17.00 3.68
C THR A 120 20.81 18.48 4.07
N ALA A 121 21.97 19.11 4.02
CA ALA A 121 22.16 20.54 4.21
C ALA A 121 22.89 21.19 3.03
N THR A 122 22.42 22.39 2.69
CA THR A 122 22.95 23.30 1.69
C THR A 122 23.29 24.67 2.27
N THR A 123 24.56 25.06 2.10
CA THR A 123 25.06 26.37 2.48
C THR A 123 25.63 27.13 1.30
N THR A 124 25.83 28.44 1.51
CA THR A 124 26.47 29.28 0.51
C THR A 124 28.00 29.29 0.63
N THR A 125 28.68 29.86 -0.34
CA THR A 125 30.11 29.88 -0.54
C THR A 125 30.63 31.21 -1.12
N PRO A 126 31.91 31.47 -0.92
CA PRO A 126 32.57 32.62 -1.55
C PRO A 126 33.14 32.26 -2.92
N ILE B 1 -9.88 17.80 2.22
CA ILE B 1 -10.22 16.37 2.29
C ILE B 1 -8.98 15.48 2.34
N SER B 2 -8.87 14.76 3.45
CA SER B 2 -7.76 13.88 3.76
C SER B 2 -7.45 12.89 2.64
N GLU B 3 -6.18 12.83 2.27
CA GLU B 3 -5.69 11.83 1.35
C GLU B 3 -5.48 10.52 2.11
N PHE B 4 -5.52 10.59 3.46
CA PHE B 4 -5.43 9.33 4.18
C PHE B 4 -6.78 8.62 4.04
N ALA B 5 -7.84 9.40 4.23
CA ALA B 5 -9.19 8.87 4.12
C ALA B 5 -9.51 8.47 2.68
N ARG B 6 -8.97 9.23 1.73
CA ARG B 6 -9.22 9.01 0.31
C ARG B 6 -8.65 7.66 -0.14
N ALA B 7 -7.46 7.39 0.37
CA ALA B 7 -6.65 6.23 0.15
C ALA B 7 -7.20 4.96 0.78
N GLN B 8 -7.89 5.09 1.91
CA GLN B 8 -8.50 3.92 2.53
C GLN B 8 -9.67 3.43 1.67
N LEU B 9 -10.50 4.37 1.21
CA LEU B 9 -11.64 4.01 0.36
C LEU B 9 -11.13 3.51 -1.00
N SER B 10 -9.89 3.84 -1.28
CA SER B 10 -9.10 3.47 -2.44
C SER B 10 -8.64 2.02 -2.34
N GLU B 11 -8.37 1.58 -1.10
CA GLU B 11 -8.10 0.14 -0.97
C GLU B 11 -9.35 -0.62 -1.41
N ALA B 12 -10.50 -0.30 -0.81
CA ALA B 12 -11.78 -0.92 -1.12
C ALA B 12 -11.99 -1.11 -2.62
N MET B 13 -11.89 0.00 -3.36
CA MET B 13 -12.17 -0.06 -4.78
C MET B 13 -11.28 -1.08 -5.49
N THR B 14 -10.01 -1.03 -5.11
CA THR B 14 -9.03 -1.88 -5.76
C THR B 14 -9.25 -3.35 -5.45
N LEU B 15 -9.66 -3.66 -4.21
CA LEU B 15 -9.91 -5.03 -3.80
C LEU B 15 -11.20 -5.52 -4.47
N ALA B 16 -12.15 -4.61 -4.69
CA ALA B 16 -13.38 -4.97 -5.39
C ALA B 16 -13.16 -5.11 -6.89
N SER B 17 -12.42 -4.17 -7.46
CA SER B 17 -12.05 -4.19 -8.88
C SER B 17 -11.44 -5.54 -9.25
N GLY B 18 -10.68 -6.05 -8.29
CA GLY B 18 -10.02 -7.32 -8.33
C GLY B 18 -10.96 -8.48 -8.61
N LEU B 19 -12.28 -8.31 -8.52
CA LEU B 19 -13.18 -9.42 -8.80
C LEU B 19 -14.05 -9.22 -10.04
N LYS B 20 -13.74 -8.22 -10.88
CA LYS B 20 -14.61 -7.96 -12.03
C LYS B 20 -14.66 -9.18 -12.96
N THR B 21 -13.49 -9.56 -13.47
CA THR B 21 -13.35 -10.72 -14.35
C THR B 21 -14.09 -11.95 -13.82
N LYS B 22 -13.89 -12.27 -12.54
CA LYS B 22 -14.51 -13.43 -11.91
C LYS B 22 -16.03 -13.35 -11.85
N VAL B 23 -16.57 -12.15 -11.65
CA VAL B 23 -18.01 -12.01 -11.50
C VAL B 23 -18.72 -11.85 -12.83
N SER B 24 -18.09 -11.17 -13.78
CA SER B 24 -18.71 -10.97 -15.09
C SER B 24 -18.65 -12.23 -15.96
N ASP B 25 -17.68 -13.08 -15.62
CA ASP B 25 -17.46 -14.31 -16.35
C ASP B 25 -18.51 -15.35 -15.98
N ILE B 26 -18.97 -15.33 -14.73
CA ILE B 26 -19.99 -16.27 -14.30
C ILE B 26 -21.38 -15.81 -14.73
N PHE B 27 -21.56 -14.49 -14.79
CA PHE B 27 -22.84 -13.90 -15.16
C PHE B 27 -23.15 -14.24 -16.62
N SER B 28 -22.11 -14.12 -17.46
CA SER B 28 -22.42 -14.22 -18.90
C SER B 28 -22.30 -15.66 -19.38
N GLN B 29 -21.73 -16.52 -18.54
CA GLN B 29 -21.60 -17.94 -18.82
C GLN B 29 -22.70 -18.77 -18.19
N ASP B 30 -23.13 -18.43 -16.96
CA ASP B 30 -24.16 -19.24 -16.30
C ASP B 30 -25.49 -18.52 -16.13
N GLY B 31 -25.56 -17.22 -16.38
CA GLY B 31 -26.77 -16.43 -16.35
C GLY B 31 -27.13 -15.82 -15.01
N SER B 32 -26.35 -16.03 -13.97
CA SER B 32 -26.68 -15.63 -12.61
C SER B 32 -25.55 -14.83 -11.95
N CYS B 33 -25.84 -14.26 -10.79
CA CYS B 33 -24.81 -13.51 -10.06
C CYS B 33 -24.30 -14.38 -8.91
N PRO B 34 -22.99 -14.55 -8.80
CA PRO B 34 -22.39 -15.35 -7.73
C PRO B 34 -22.36 -14.61 -6.40
N ALA B 35 -22.62 -15.31 -5.31
CA ALA B 35 -22.58 -14.82 -3.93
C ALA B 35 -21.61 -15.63 -3.10
N ASN B 36 -20.74 -14.93 -2.38
CA ASN B 36 -19.63 -15.55 -1.68
C ASN B 36 -19.64 -15.47 -0.16
N THR B 37 -20.77 -15.61 0.52
CA THR B 37 -20.77 -15.62 1.99
C THR B 37 -20.15 -16.93 2.49
N ALA B 38 -20.05 -17.86 1.57
CA ALA B 38 -19.30 -19.08 1.46
C ALA B 38 -18.45 -19.02 0.17
N ALA B 39 -17.22 -19.51 0.25
CA ALA B 39 -16.40 -19.67 -0.94
C ALA B 39 -17.24 -20.36 -2.01
N THR B 40 -16.92 -20.06 -3.26
CA THR B 40 -17.79 -20.52 -4.34
C THR B 40 -16.99 -20.44 -5.65
N ALA B 41 -17.05 -21.52 -6.39
CA ALA B 41 -16.44 -21.81 -7.66
C ALA B 41 -15.46 -20.73 -8.15
N GLY B 42 -14.26 -20.78 -7.58
CA GLY B 42 -13.16 -19.93 -7.93
C GLY B 42 -13.15 -18.56 -7.30
N ILE B 43 -13.98 -18.33 -6.31
CA ILE B 43 -14.05 -16.99 -5.68
C ILE B 43 -13.90 -17.14 -4.18
N GLU B 44 -13.08 -16.31 -3.52
CA GLU B 44 -12.85 -16.58 -2.10
C GLU B 44 -13.96 -16.07 -1.20
N LYS B 45 -13.98 -16.56 0.05
CA LYS B 45 -15.00 -16.15 1.00
C LYS B 45 -14.86 -14.65 1.32
N ASP B 46 -15.97 -13.93 1.28
CA ASP B 46 -16.01 -12.48 1.48
C ASP B 46 -15.09 -12.05 2.62
N THR B 47 -15.22 -12.67 3.79
CA THR B 47 -14.36 -12.31 4.92
C THR B 47 -12.90 -12.68 4.67
N ASP B 48 -12.63 -13.54 3.69
CA ASP B 48 -11.27 -13.89 3.30
C ASP B 48 -10.67 -12.85 2.34
N ILE B 49 -11.51 -12.06 1.69
CA ILE B 49 -11.06 -11.00 0.80
C ILE B 49 -10.87 -9.68 1.54
N ASN B 50 -9.66 -9.31 1.91
CA ASN B 50 -9.43 -8.16 2.79
C ASN B 50 -8.02 -7.61 2.69
N GLY B 51 -7.80 -6.51 3.39
CA GLY B 51 -6.52 -5.85 3.45
C GLY B 51 -6.39 -4.98 4.69
N LYS B 52 -5.51 -3.99 4.66
CA LYS B 52 -5.34 -3.10 5.80
C LYS B 52 -6.64 -2.45 6.20
N TYR B 53 -7.41 -1.97 5.22
CA TYR B 53 -8.58 -1.18 5.60
C TYR B 53 -9.89 -1.84 5.28
N VAL B 54 -9.87 -2.87 4.43
CA VAL B 54 -11.13 -3.55 4.10
C VAL B 54 -11.33 -4.82 4.92
N ALA B 55 -12.51 -4.94 5.52
CA ALA B 55 -12.89 -6.09 6.32
C ALA B 55 -13.34 -7.28 5.47
N LYS B 56 -14.13 -7.04 4.43
CA LYS B 56 -14.61 -8.12 3.57
C LYS B 56 -15.14 -7.60 2.24
N VAL B 57 -15.13 -8.49 1.24
CA VAL B 57 -15.69 -8.11 -0.05
C VAL B 57 -16.68 -9.18 -0.51
N THR B 58 -17.95 -8.82 -0.50
CA THR B 58 -19.07 -9.69 -0.82
C THR B 58 -19.65 -9.44 -2.21
N THR B 59 -19.90 -10.55 -2.90
CA THR B 59 -20.52 -10.56 -4.22
C THR B 59 -22.00 -10.90 -4.09
N GLY B 60 -22.77 -10.52 -5.11
CA GLY B 60 -24.18 -10.83 -5.13
C GLY B 60 -24.92 -9.99 -6.15
N GLY B 61 -26.08 -9.49 -5.70
CA GLY B 61 -26.99 -8.79 -6.58
C GLY B 61 -28.02 -9.72 -7.22
N THR B 62 -28.87 -9.13 -8.03
CA THR B 62 -30.03 -9.69 -8.70
C THR B 62 -29.88 -9.58 -10.22
N ALA B 63 -29.84 -10.70 -10.93
CA ALA B 63 -29.52 -10.75 -12.37
C ALA B 63 -30.59 -10.04 -13.21
N ALA B 64 -30.10 -9.22 -14.13
CA ALA B 64 -30.91 -8.42 -15.03
C ALA B 64 -30.32 -8.41 -16.45
N ALA B 65 -31.14 -7.95 -17.40
CA ALA B 65 -30.78 -7.88 -18.80
C ALA B 65 -29.37 -7.35 -19.02
N SER B 66 -29.07 -6.18 -18.48
CA SER B 66 -27.77 -5.54 -18.58
C SER B 66 -26.76 -5.93 -17.52
N GLY B 67 -27.17 -6.67 -16.48
CA GLY B 67 -26.21 -7.04 -15.45
C GLY B 67 -26.81 -7.02 -14.06
N GLY B 68 -26.31 -6.17 -13.17
CA GLY B 68 -26.91 -6.09 -11.84
C GLY B 68 -26.06 -6.71 -10.76
N CYS B 69 -25.16 -7.64 -11.11
CA CYS B 69 -24.37 -8.27 -10.06
C CYS B 69 -23.55 -7.26 -9.27
N THR B 70 -23.46 -7.45 -7.95
CA THR B 70 -22.84 -6.41 -7.13
C THR B 70 -21.60 -6.92 -6.40
N ILE B 71 -20.67 -6.00 -6.25
CA ILE B 71 -19.40 -6.28 -5.56
C ILE B 71 -19.23 -5.27 -4.43
N VAL B 72 -19.59 -5.66 -3.22
CA VAL B 72 -19.60 -4.78 -2.08
C VAL B 72 -18.46 -4.99 -1.08
N ALA B 73 -17.57 -4.01 -1.02
CA ALA B 73 -16.50 -4.04 -0.03
C ALA B 73 -16.94 -3.33 1.25
N THR B 74 -16.76 -3.97 2.40
CA THR B 74 -17.10 -3.39 3.70
C THR B 74 -15.87 -2.95 4.48
N MET B 75 -15.88 -1.68 4.90
CA MET B 75 -14.72 -1.17 5.64
C MET B 75 -14.65 -1.73 7.05
N LYS B 76 -13.44 -1.87 7.60
CA LYS B 76 -13.28 -2.27 8.99
C LYS B 76 -13.94 -1.28 9.96
N ALA B 77 -14.31 -1.73 11.14
CA ALA B 77 -14.89 -1.02 12.25
C ALA B 77 -13.84 -0.31 13.11
N SER B 78 -12.57 -0.40 12.72
CA SER B 78 -11.53 0.26 13.51
C SER B 78 -10.22 0.36 12.76
N ASP B 79 -9.39 1.34 13.17
CA ASP B 79 -8.15 1.59 12.45
C ASP B 79 -8.42 1.98 11.01
N VAL B 80 -9.40 2.88 10.98
CA VAL B 80 -9.95 3.51 9.81
C VAL B 80 -10.59 4.84 10.18
N ALA B 81 -10.40 5.80 9.27
CA ALA B 81 -10.96 7.14 9.41
C ALA B 81 -12.40 7.06 9.92
N THR B 82 -12.66 7.73 11.02
CA THR B 82 -13.89 7.60 11.78
C THR B 82 -15.15 7.63 10.95
N PRO B 83 -15.34 8.54 10.00
CA PRO B 83 -16.57 8.51 9.20
C PRO B 83 -16.71 7.29 8.31
N LEU B 84 -15.62 6.59 8.04
CA LEU B 84 -15.66 5.50 7.07
C LEU B 84 -15.90 4.17 7.77
N ARG B 85 -15.92 4.19 9.10
CA ARG B 85 -15.99 2.89 9.79
C ARG B 85 -17.26 2.13 9.46
N GLY B 86 -17.11 0.92 8.91
CA GLY B 86 -18.27 0.06 8.71
C GLY B 86 -19.06 0.44 7.48
N LYS B 87 -18.63 1.49 6.77
CA LYS B 87 -19.30 1.88 5.53
C LYS B 87 -18.94 0.90 4.42
N THR B 88 -19.66 0.97 3.33
CA THR B 88 -19.47 0.17 2.14
C THR B 88 -19.36 0.99 0.87
N LEU B 89 -18.72 0.36 -0.12
CA LEU B 89 -18.59 0.90 -1.46
C LEU B 89 -18.90 -0.23 -2.45
N THR B 90 -19.72 0.07 -3.43
CA THR B 90 -20.43 -0.88 -4.26
C THR B 90 -20.19 -0.72 -5.76
N LEU B 91 -19.70 -1.74 -6.42
CA LEU B 91 -19.53 -1.80 -7.87
C LEU B 91 -20.65 -2.66 -8.48
N THR B 92 -21.31 -2.13 -9.50
CA THR B 92 -22.44 -2.78 -10.17
C THR B 92 -22.23 -2.98 -11.67
N LEU B 93 -22.29 -4.22 -12.13
CA LEU B 93 -22.11 -4.56 -13.54
C LEU B 93 -23.25 -4.01 -14.38
N GLY B 94 -22.95 -3.50 -15.58
CA GLY B 94 -23.93 -2.89 -16.47
C GLY B 94 -23.56 -2.90 -17.94
N ASN B 95 -24.47 -2.56 -18.85
CA ASN B 95 -24.13 -2.59 -20.27
C ASN B 95 -23.84 -4.00 -20.78
N ALA B 96 -24.26 -5.02 -20.03
CA ALA B 96 -23.94 -6.40 -20.38
C ALA B 96 -24.58 -6.78 -21.71
N ASP B 97 -25.59 -6.04 -22.09
CA ASP B 97 -26.37 -6.19 -23.30
C ASP B 97 -25.98 -5.18 -24.38
N LYS B 98 -24.90 -4.43 -24.21
CA LYS B 98 -24.63 -3.35 -25.16
C LYS B 98 -23.24 -3.39 -25.78
N GLY B 99 -22.30 -4.04 -25.11
CA GLY B 99 -20.91 -4.06 -25.55
C GLY B 99 -20.03 -4.22 -24.32
N SER B 100 -18.98 -3.42 -24.25
CA SER B 100 -18.04 -3.50 -23.13
C SER B 100 -18.79 -3.41 -21.80
N TYR B 101 -18.38 -4.23 -20.83
CA TYR B 101 -18.97 -4.18 -19.49
C TYR B 101 -18.64 -2.85 -18.80
N THR B 102 -19.66 -2.30 -18.16
CA THR B 102 -19.47 -1.16 -17.28
C THR B 102 -19.73 -1.53 -15.82
N TRP B 103 -19.06 -0.78 -14.95
CA TRP B 103 -19.11 -1.03 -13.51
C TRP B 103 -19.26 0.31 -12.79
N ALA B 104 -20.50 0.69 -12.49
CA ALA B 104 -20.77 1.95 -11.81
C ALA B 104 -20.40 1.87 -10.34
N CYS B 105 -19.75 2.91 -9.84
CA CYS B 105 -19.36 2.93 -8.42
C CYS B 105 -20.31 3.77 -7.58
N THR B 106 -20.68 3.25 -6.42
CA THR B 106 -21.56 3.89 -5.44
C THR B 106 -21.09 3.62 -4.01
N SER B 107 -21.49 4.44 -3.05
CA SER B 107 -21.02 4.20 -1.67
C SER B 107 -22.01 4.68 -0.64
N ASN B 108 -21.98 4.14 0.59
CA ASN B 108 -22.92 4.71 1.58
C ASN B 108 -22.17 5.63 2.55
N ALA B 109 -20.99 6.07 2.13
CA ALA B 109 -20.15 7.02 2.85
C ALA B 109 -20.29 8.43 2.26
N ASP B 110 -19.80 9.43 2.96
CA ASP B 110 -19.83 10.85 2.60
C ASP B 110 -19.11 11.06 1.27
N ASN B 111 -19.72 11.73 0.31
CA ASN B 111 -19.11 12.06 -0.98
C ASN B 111 -17.79 12.83 -0.82
N LYS B 112 -17.62 13.50 0.33
CA LYS B 112 -16.37 14.24 0.53
C LYS B 112 -15.18 13.29 0.61
N TYR B 113 -15.44 12.00 0.83
CA TYR B 113 -14.30 11.08 0.86
C TYR B 113 -14.17 10.29 -0.43
N LEU B 114 -15.16 10.42 -1.31
CA LEU B 114 -15.09 9.57 -2.51
C LEU B 114 -14.44 10.20 -3.71
N PRO B 115 -14.07 9.35 -4.67
CA PRO B 115 -13.67 9.83 -5.99
C PRO B 115 -14.88 10.46 -6.68
N LYS B 116 -14.64 11.34 -7.64
CA LYS B 116 -15.73 11.98 -8.37
C LYS B 116 -16.72 10.96 -8.92
N THR B 117 -16.16 9.91 -9.48
CA THR B 117 -16.85 8.79 -10.08
C THR B 117 -17.72 8.01 -9.09
N CYS B 118 -17.44 8.10 -7.79
CA CYS B 118 -18.24 7.34 -6.85
C CYS B 118 -19.26 8.22 -6.12
N GLN B 119 -19.40 9.49 -6.53
CA GLN B 119 -20.23 10.42 -5.77
C GLN B 119 -21.67 10.49 -6.26
N THR B 120 -22.59 10.81 -5.35
CA THR B 120 -23.99 11.02 -5.70
C THR B 120 -24.19 12.46 -6.21
N ALA B 121 -25.36 12.69 -6.82
CA ALA B 121 -25.72 13.99 -7.40
C ALA B 121 -26.86 14.65 -6.66
N THR B 122 -26.71 15.92 -6.30
CA THR B 122 -27.76 16.62 -5.55
C THR B 122 -28.15 17.96 -6.18
N THR B 123 -29.45 18.06 -6.48
CA THR B 123 -29.96 19.27 -7.09
C THR B 123 -31.28 19.72 -6.45
N THR B 124 -31.61 20.98 -6.65
CA THR B 124 -32.81 21.66 -6.18
C THR B 124 -34.00 21.28 -7.06
N THR B 125 -35.21 21.52 -6.58
CA THR B 125 -36.46 21.11 -7.21
C THR B 125 -37.51 22.21 -7.13
N PRO B 126 -38.56 22.17 -7.94
CA PRO B 126 -39.52 23.28 -7.94
C PRO B 126 -40.51 23.24 -6.80
#